data_6V9E
#
_entry.id   6V9E
#
_cell.length_a   91.052
_cell.length_b   91.052
_cell.length_c   134.042
_cell.angle_alpha   90.000
_cell.angle_beta   90.000
_cell.angle_gamma   90.000
#
_symmetry.space_group_name_H-M   'I 4 2 2'
#
loop_
_entity.id
_entity.type
_entity.pdbx_description
1 polymer 'Polymerase acidic protein'
2 non-polymer 'MANGANESE (II) ION'
3 non-polymer N-[2-(6-amino-9H-purin-9-yl)ethyl]-5-hydroxy-6-oxo-2-[2-(trifluoromethyl)phenyl]-1,6-dihydropyrimidine-4-carboxamide
4 non-polymer "1,1',1'',1''',1''''-[(3R,5S,7S,9R)-decane-1,3,5,7,9-pentayl]penta(pyrrolidin-2-one)"
5 non-polymer 'SULFATE ION'
6 water water
#
_entity_poly.entity_id   1
_entity_poly.type   'polypeptide(L)'
_entity_poly.pdbx_seq_one_letter_code
;MGSSHHHHHHSSGLVPRGSHMEDFVRQCFNPMIVELAEKAMKEYGEDPKIETNKFAAICTHLEVCFMYSDGGSKHRFEII
EGRDRIMAWTVVNSICNTTGVEKPKFLPDLYDYKENRFIEIGVTRREVHIYYLEKANKIKSEKTHIHIFSFTGEEMATKA
DYTLDEESRARIKTRLFTIRQEMASRSLWDSFRQSER
;
_entity_poly.pdbx_strand_id   A
#
loop_
_chem_comp.id
_chem_comp.type
_chem_comp.name
_chem_comp.formula
MN non-polymer 'MANGANESE (II) ION' 'Mn 2'
QQP non-polymer N-[2-(6-amino-9H-purin-9-yl)ethyl]-5-hydroxy-6-oxo-2-[2-(trifluoromethyl)phenyl]-1,6-dihydropyrimidine-4-carboxamide 'C19 H15 F3 N8 O3'
SO4 non-polymer 'SULFATE ION' 'O4 S -2'
Y24 non-polymer 1,1',1'',1''',1''''-[(3R,5S,7S,9R)-decane-1,3,5,7,9-pentayl]penta(pyrrolidin-2-one) 'C30 H47 N5 O5'
#
# COMPACT_ATOMS: atom_id res chain seq x y z
N ARG A 17 9.09 8.07 24.53
CA ARG A 17 10.28 7.27 24.22
C ARG A 17 10.70 7.41 22.75
N GLY A 18 12.01 7.35 22.50
CA GLY A 18 12.54 7.48 21.15
C GLY A 18 12.92 6.16 20.52
N SER A 19 12.17 5.76 19.49
CA SER A 19 12.34 4.45 18.87
C SER A 19 13.65 4.38 18.08
N HIS A 20 14.05 3.15 17.79
CA HIS A 20 14.94 2.90 16.66
C HIS A 20 14.14 2.69 15.39
N MET A 21 12.93 2.15 15.52
CA MET A 21 12.08 2.00 14.37
C MET A 21 11.71 3.35 13.79
N GLU A 22 11.39 4.32 14.64
CA GLU A 22 10.97 5.63 14.15
C GLU A 22 12.11 6.31 13.40
N ASP A 23 13.29 6.30 13.99
CA ASP A 23 14.45 6.91 13.35
C ASP A 23 14.80 6.22 12.05
N PHE A 24 14.64 4.88 11.97
CA PHE A 24 14.95 4.19 10.72
C PHE A 24 13.93 4.52 9.65
N VAL A 25 12.63 4.45 10.00
CA VAL A 25 11.55 4.87 9.10
C VAL A 25 11.82 6.27 8.52
N ARG A 26 12.40 7.16 9.33
CA ARG A 26 12.61 8.53 8.84
C ARG A 26 13.74 8.61 7.80
N GLN A 27 14.85 7.91 8.03
CA GLN A 27 15.96 7.85 7.06
C GLN A 27 15.97 6.51 6.33
N CYS A 28 14.91 6.29 5.54
CA CYS A 28 14.74 5.11 4.69
C CYS A 28 13.65 5.46 3.68
N PHE A 29 12.59 6.09 4.17
CA PHE A 29 11.49 6.51 3.32
C PHE A 29 11.59 8.00 3.00
N ASN A 30 10.87 8.36 1.95
CA ASN A 30 10.90 9.71 1.44
C ASN A 30 10.10 10.65 2.36
N PRO A 31 10.62 11.86 2.65
CA PRO A 31 9.95 12.77 3.60
C PRO A 31 8.48 13.00 3.32
N MET A 32 8.09 13.13 2.04
CA MET A 32 6.67 13.28 1.73
C MET A 32 5.87 12.04 2.15
N ILE A 33 6.45 10.86 2.00
CA ILE A 33 5.72 9.63 2.32
C ILE A 33 5.60 9.50 3.83
N VAL A 34 6.67 9.84 4.54
CA VAL A 34 6.58 9.85 5.99
C VAL A 34 5.48 10.80 6.45
N GLU A 35 5.38 11.99 5.83
CA GLU A 35 4.38 12.94 6.28
C GLU A 35 2.97 12.45 5.99
N LEU A 36 2.75 11.93 4.79
CA LEU A 36 1.43 11.37 4.48
C LEU A 36 1.07 10.24 5.43
N ALA A 37 2.07 9.48 5.89
CA ALA A 37 1.78 8.38 6.82
C ALA A 37 1.48 8.89 8.22
N GLU A 38 2.25 9.87 8.71
CA GLU A 38 1.94 10.50 9.99
C GLU A 38 0.55 11.12 9.98
N LYS A 39 0.15 11.73 8.85
CA LYS A 39 -1.20 12.28 8.76
C LYS A 39 -2.26 11.18 8.85
N ALA A 40 -2.09 10.08 8.09
CA ALA A 40 -3.12 9.02 8.13
C ALA A 40 -3.21 8.35 9.51
N MET A 41 -2.06 8.01 10.10
CA MET A 41 -2.06 7.44 11.43
C MET A 41 -2.73 8.37 12.42
N LYS A 42 -2.40 9.67 12.39
CA LYS A 42 -3.00 10.59 13.34
C LYS A 42 -4.49 10.78 13.10
N GLU A 43 -4.92 10.74 11.84
CA GLU A 43 -6.34 10.83 11.56
C GLU A 43 -7.09 9.66 12.15
N TYR A 44 -6.49 8.46 12.18
CA TYR A 44 -7.16 7.33 12.81
C TYR A 44 -6.81 7.19 14.29
N GLY A 45 -6.17 8.20 14.87
CA GLY A 45 -5.94 8.21 16.30
C GLY A 45 -4.78 7.37 16.79
N GLU A 46 -3.71 7.25 16.00
CA GLU A 46 -2.56 6.45 16.37
C GLU A 46 -1.30 7.31 16.33
N ASP A 47 -0.26 6.88 17.05
CA ASP A 47 0.96 7.67 17.18
C ASP A 47 2.13 6.99 16.48
N PRO A 48 2.68 7.63 15.45
CA PRO A 48 3.90 7.10 14.83
C PRO A 48 5.04 6.85 15.80
N LYS A 49 5.15 7.60 16.89
CA LYS A 49 6.23 7.37 17.84
C LYS A 49 5.92 6.24 18.83
N ILE A 50 4.67 5.82 18.93
CA ILE A 50 4.29 4.72 19.79
C ILE A 50 4.27 3.45 18.96
N GLU A 51 3.29 3.32 18.09
CA GLU A 51 3.13 2.12 17.27
C GLU A 51 3.92 2.31 15.99
N THR A 52 5.22 2.02 16.08
CA THR A 52 6.20 2.32 15.07
C THR A 52 6.24 1.28 13.95
N ASN A 53 5.95 0.01 14.26
CA ASN A 53 5.79 -0.96 13.19
C ASN A 53 4.65 -0.57 12.26
N LYS A 54 3.55 -0.08 12.84
CA LYS A 54 2.48 0.43 11.98
C LYS A 54 2.96 1.62 11.18
N PHE A 55 3.85 2.42 11.74
CA PHE A 55 4.43 3.55 11.01
C PHE A 55 5.15 3.05 9.76
N ALA A 56 6.07 2.09 9.95
CA ALA A 56 6.78 1.49 8.83
C ALA A 56 5.82 0.88 7.82
N ALA A 57 4.80 0.16 8.29
CA ALA A 57 3.85 -0.47 7.40
C ALA A 57 3.10 0.56 6.55
N ILE A 58 2.68 1.67 7.17
CA ILE A 58 1.93 2.68 6.44
C ILE A 58 2.81 3.29 5.36
N CYS A 59 4.07 3.64 5.73
CA CYS A 59 5.00 4.15 4.72
C CYS A 59 5.18 3.17 3.57
N THR A 60 5.33 1.89 3.89
CA THR A 60 5.55 0.88 2.86
C THR A 60 4.36 0.78 1.92
N HIS A 61 3.17 0.67 2.52
CA HIS A 61 1.91 0.59 1.74
C HIS A 61 1.81 1.81 0.82
N LEU A 62 2.20 2.98 1.32
CA LEU A 62 2.18 4.20 0.53
C LEU A 62 3.15 4.09 -0.64
N GLU A 63 4.43 3.86 -0.34
CA GLU A 63 5.43 3.82 -1.40
C GLU A 63 5.08 2.79 -2.47
N VAL A 64 4.61 1.60 -2.05
CA VAL A 64 4.25 0.58 -3.03
C VAL A 64 3.14 1.09 -3.90
N CYS A 65 2.13 1.72 -3.28
CA CYS A 65 1.05 2.31 -4.06
C CYS A 65 1.61 3.28 -5.09
N PHE A 66 2.58 4.10 -4.69
CA PHE A 66 3.06 5.14 -5.60
C PHE A 66 3.84 4.55 -6.76
N MET A 67 4.75 3.62 -6.49
CA MET A 67 5.43 2.91 -7.59
C MET A 67 4.42 2.27 -8.52
N TYR A 68 3.42 1.61 -7.94
CA TYR A 68 2.36 1.02 -8.75
C TYR A 68 1.77 2.04 -9.71
N SER A 69 1.38 3.21 -9.19
CA SER A 69 0.87 4.27 -10.06
C SER A 69 1.92 4.70 -11.09
N ASP A 70 3.20 4.49 -10.78
CA ASP A 70 4.29 4.95 -11.65
C ASP A 70 4.48 4.02 -12.84
N GLY A 71 4.58 2.71 -12.60
CA GLY A 71 4.56 1.74 -13.67
C GLY A 71 3.36 1.98 -14.54
N GLY A 72 3.50 1.81 -15.85
CA GLY A 72 2.36 1.97 -16.72
C GLY A 72 2.36 3.22 -17.57
N SER A 73 1.18 3.74 -17.87
CA SER A 73 1.01 4.89 -18.76
C SER A 73 1.57 6.17 -18.13
N LYS A 74 1.28 7.30 -18.80
CA LYS A 74 1.59 8.61 -18.24
C LYS A 74 0.67 8.91 -17.05
N HIS A 75 -0.65 8.86 -17.28
CA HIS A 75 -1.64 8.90 -16.20
C HIS A 75 -2.70 7.83 -16.47
N ARG A 76 -2.37 6.59 -16.12
CA ARG A 76 -3.34 5.50 -16.23
C ARG A 76 -4.10 5.26 -14.94
N PHE A 77 -3.49 5.57 -13.80
CA PHE A 77 -4.07 5.31 -12.49
C PHE A 77 -4.45 6.61 -11.80
N GLU A 78 -5.60 6.61 -11.17
CA GLU A 78 -5.94 7.66 -10.21
C GLU A 78 -5.55 7.16 -8.81
N ILE A 79 -4.82 7.98 -8.06
CA ILE A 79 -4.30 7.61 -6.75
C ILE A 79 -5.33 8.00 -5.69
N ILE A 80 -5.78 7.02 -4.92
CA ILE A 80 -6.76 7.25 -3.86
C ILE A 80 -6.09 7.25 -2.49
N GLU A 81 -5.17 6.31 -2.27
CA GLU A 81 -4.42 6.30 -1.04
C GLU A 81 -3.53 7.53 -0.99
N GLY A 82 -3.21 7.97 0.22
CA GLY A 82 -2.56 9.27 0.39
C GLY A 82 -3.49 10.45 0.65
N ARG A 83 -4.50 10.63 -0.19
CA ARG A 83 -5.46 11.71 -0.01
C ARG A 83 -6.13 11.63 1.35
N ASP A 84 -6.71 12.77 1.76
N ASP A 84 -6.71 12.76 1.77
CA ASP A 84 -7.51 12.75 2.97
CA ASP A 84 -7.53 12.77 2.97
C ASP A 84 -8.82 12.02 2.70
C ASP A 84 -8.82 12.02 2.70
N ARG A 85 -9.44 11.54 3.79
CA ARG A 85 -10.65 10.72 3.68
C ARG A 85 -11.72 11.37 2.80
N ILE A 86 -12.08 12.61 3.11
CA ILE A 86 -13.18 13.26 2.41
C ILE A 86 -12.85 13.41 0.94
N MET A 87 -11.65 13.90 0.63
CA MET A 87 -11.31 14.12 -0.77
C MET A 87 -11.18 12.81 -1.54
N ALA A 88 -10.67 11.76 -0.90
CA ALA A 88 -10.56 10.48 -1.59
C ALA A 88 -11.93 9.97 -1.98
N TRP A 89 -12.88 10.00 -1.03
CA TRP A 89 -14.23 9.61 -1.34
C TRP A 89 -14.82 10.48 -2.44
N THR A 90 -14.51 11.77 -2.44
CA THR A 90 -15.00 12.63 -3.52
C THR A 90 -14.53 12.12 -4.88
N VAL A 91 -13.25 11.77 -4.97
CA VAL A 91 -12.69 11.38 -6.25
C VAL A 91 -13.28 10.05 -6.70
N VAL A 92 -13.50 9.12 -5.77
CA VAL A 92 -14.09 7.84 -6.16
C VAL A 92 -15.54 8.04 -6.59
N ASN A 93 -16.28 8.94 -5.92
CA ASN A 93 -17.63 9.25 -6.38
C ASN A 93 -17.60 9.75 -7.81
N SER A 94 -16.69 10.67 -8.12
CA SER A 94 -16.61 11.21 -9.46
C SER A 94 -16.27 10.12 -10.47
N ILE A 95 -15.39 9.19 -10.09
CA ILE A 95 -15.06 8.08 -10.97
C ILE A 95 -16.30 7.21 -11.22
N CYS A 96 -16.98 6.84 -10.14
CA CYS A 96 -18.14 5.97 -10.22
C CYS A 96 -19.23 6.58 -11.09
N ASN A 97 -19.45 7.88 -10.98
CA ASN A 97 -20.42 8.52 -11.87
C ASN A 97 -19.85 8.78 -13.26
N THR A 98 -18.55 8.60 -13.44
CA THR A 98 -18.04 8.77 -14.79
C THR A 98 -17.98 7.44 -15.53
N THR A 99 -17.46 6.41 -14.89
CA THR A 99 -17.32 5.12 -15.55
C THR A 99 -18.49 4.18 -15.31
N GLY A 100 -19.45 4.55 -14.47
CA GLY A 100 -20.49 3.62 -14.12
C GLY A 100 -19.94 2.37 -13.45
N VAL A 101 -19.41 2.54 -12.23
CA VAL A 101 -18.90 1.42 -11.44
C VAL A 101 -19.49 1.55 -10.04
N GLU A 102 -19.65 0.41 -9.38
CA GLU A 102 -20.26 0.40 -8.06
C GLU A 102 -19.34 1.04 -7.04
N LYS A 103 -19.86 2.06 -6.34
CA LYS A 103 -19.12 2.76 -5.31
C LYS A 103 -18.70 1.75 -4.25
N PRO A 104 -17.40 1.48 -4.12
CA PRO A 104 -16.95 0.44 -3.18
C PRO A 104 -17.41 0.75 -1.76
N LYS A 105 -17.46 -0.30 -0.95
CA LYS A 105 -17.86 -0.14 0.45
C LYS A 105 -16.74 0.43 1.28
N PHE A 106 -15.49 0.18 0.88
CA PHE A 106 -14.31 0.68 1.57
C PHE A 106 -13.40 1.34 0.56
N LEU A 107 -12.61 2.30 1.02
CA LEU A 107 -11.75 3.08 0.15
C LEU A 107 -10.68 2.20 -0.49
N PRO A 108 -10.58 2.19 -1.82
CA PRO A 108 -9.50 1.42 -2.45
C PRO A 108 -8.20 2.23 -2.51
N ASP A 109 -7.14 1.68 -3.12
CA ASP A 109 -5.86 2.35 -3.24
C ASP A 109 -5.67 3.08 -4.56
N LEU A 110 -6.23 2.56 -5.64
CA LEU A 110 -6.06 3.18 -6.95
C LEU A 110 -7.29 2.90 -7.79
N TYR A 111 -7.30 3.51 -8.98
CA TYR A 111 -8.24 3.11 -10.03
C TYR A 111 -7.50 3.03 -11.36
N ASP A 112 -7.61 1.87 -12.01
CA ASP A 112 -7.12 1.63 -13.36
C ASP A 112 -8.15 2.11 -14.38
N TYR A 113 -7.74 3.10 -15.17
CA TYR A 113 -8.59 3.67 -16.23
C TYR A 113 -8.57 2.73 -17.42
N LYS A 114 -7.45 2.05 -17.63
CA LYS A 114 -7.37 1.10 -18.74
C LYS A 114 -8.34 -0.05 -18.54
N GLU A 115 -8.30 -0.68 -17.35
CA GLU A 115 -9.12 -1.83 -17.01
C GLU A 115 -10.42 -1.47 -16.30
N ASN A 116 -10.68 -0.19 -16.07
CA ASN A 116 -11.91 0.29 -15.43
C ASN A 116 -12.19 -0.47 -14.14
N ARG A 117 -11.24 -0.40 -13.21
CA ARG A 117 -11.51 -1.08 -11.95
C ARG A 117 -10.67 -0.50 -10.84
N PHE A 118 -11.22 -0.49 -9.64
CA PHE A 118 -10.47 -0.07 -8.47
C PHE A 118 -9.52 -1.18 -8.04
N ILE A 119 -8.33 -0.79 -7.63
CA ILE A 119 -7.28 -1.72 -7.20
C ILE A 119 -7.05 -1.53 -5.70
N GLU A 120 -7.08 -2.65 -4.97
CA GLU A 120 -6.66 -2.71 -3.59
C GLU A 120 -5.27 -3.33 -3.53
N ILE A 121 -4.30 -2.56 -3.07
CA ILE A 121 -2.92 -3.01 -2.99
C ILE A 121 -2.74 -3.65 -1.63
N GLY A 122 -1.92 -4.70 -1.55
CA GLY A 122 -1.68 -5.39 -0.30
C GLY A 122 -0.20 -5.63 -0.07
N VAL A 123 0.24 -5.43 1.17
CA VAL A 123 1.64 -5.65 1.53
C VAL A 123 1.68 -6.35 2.86
N THR A 124 2.06 -7.62 2.85
CA THR A 124 1.89 -8.49 4.00
C THR A 124 3.19 -9.21 4.34
N ARG A 125 3.32 -9.57 5.61
CA ARG A 125 4.41 -10.39 6.12
C ARG A 125 3.98 -11.83 6.39
N ARG A 126 2.74 -12.19 6.05
CA ARG A 126 2.22 -13.54 6.16
C ARG A 126 2.26 -14.22 4.78
N GLU A 127 1.52 -15.31 4.64
CA GLU A 127 1.35 -15.93 3.34
C GLU A 127 0.48 -15.06 2.45
N VAL A 128 0.89 -14.92 1.18
CA VAL A 128 0.06 -14.20 0.22
C VAL A 128 -1.38 -14.73 0.23
N HIS A 129 -1.52 -16.03 0.53
CA HIS A 129 -2.82 -16.68 0.54
C HIS A 129 -3.70 -16.14 1.66
N ILE A 130 -3.20 -16.16 2.89
CA ILE A 130 -4.05 -15.78 4.00
C ILE A 130 -4.37 -14.28 3.96
N TYR A 131 -3.39 -13.44 3.60
CA TYR A 131 -3.69 -12.01 3.53
C TYR A 131 -4.67 -11.72 2.40
N TYR A 132 -4.49 -12.35 1.24
CA TYR A 132 -5.50 -12.20 0.19
C TYR A 132 -6.88 -12.58 0.72
N LEU A 133 -7.01 -13.81 1.25
CA LEU A 133 -8.31 -14.33 1.64
C LEU A 133 -8.96 -13.47 2.70
N GLU A 134 -8.18 -13.02 3.68
CA GLU A 134 -8.70 -12.11 4.69
C GLU A 134 -9.17 -10.80 4.07
N LYS A 135 -8.36 -10.24 3.16
CA LYS A 135 -8.76 -9.03 2.46
C LYS A 135 -9.90 -9.28 1.48
N ALA A 136 -9.99 -10.49 0.93
CA ALA A 136 -11.03 -10.78 -0.05
C ALA A 136 -12.42 -10.79 0.56
N ASN A 137 -12.52 -11.08 1.86
CA ASN A 137 -13.81 -11.04 2.54
C ASN A 137 -14.26 -9.59 2.75
N LYS A 138 -13.32 -8.67 2.93
CA LYS A 138 -13.65 -7.26 3.13
C LYS A 138 -14.19 -6.66 1.85
N GLU A 142 -17.68 -5.84 -5.15
CA GLU A 142 -16.92 -7.07 -5.29
C GLU A 142 -16.18 -7.14 -6.63
N LYS A 143 -16.34 -6.10 -7.45
CA LYS A 143 -15.69 -6.05 -8.76
C LYS A 143 -14.32 -5.37 -8.71
N THR A 144 -13.87 -4.96 -7.52
CA THR A 144 -12.60 -4.27 -7.34
C THR A 144 -11.45 -5.27 -7.29
N HIS A 145 -10.51 -5.14 -8.23
CA HIS A 145 -9.33 -6.00 -8.28
C HIS A 145 -8.56 -6.00 -6.96
N ILE A 146 -7.88 -7.11 -6.68
CA ILE A 146 -7.01 -7.25 -5.52
C ILE A 146 -5.62 -7.60 -6.01
N HIS A 147 -4.60 -7.05 -5.33
CA HIS A 147 -3.21 -7.31 -5.68
C HIS A 147 -2.39 -7.21 -4.41
N ILE A 148 -1.64 -8.27 -4.12
CA ILE A 148 -0.88 -8.47 -2.89
C ILE A 148 0.57 -8.61 -3.29
N PHE A 149 1.46 -8.08 -2.47
CA PHE A 149 2.89 -8.26 -2.58
C PHE A 149 3.39 -8.76 -1.24
N SER A 150 4.69 -9.05 -1.15
CA SER A 150 5.21 -9.57 0.10
C SER A 150 6.67 -9.20 0.22
N PHE A 151 7.18 -9.25 1.45
CA PHE A 151 8.55 -8.84 1.67
C PHE A 151 9.54 -9.87 1.14
N THR A 152 9.13 -11.11 0.98
CA THR A 152 10.00 -12.16 0.49
C THR A 152 9.92 -12.34 -1.02
N GLY A 153 9.18 -11.50 -1.72
CA GLY A 153 9.22 -11.50 -3.17
C GLY A 153 8.03 -12.11 -3.86
N GLU A 154 6.99 -12.48 -3.13
CA GLU A 154 5.84 -13.13 -3.73
C GLU A 154 4.72 -12.12 -3.94
N GLU A 155 3.87 -12.40 -4.92
CA GLU A 155 2.72 -11.56 -5.19
C GLU A 155 1.55 -12.44 -5.60
N MET A 156 0.34 -11.92 -5.39
CA MET A 156 -0.86 -12.69 -5.65
C MET A 156 -1.98 -11.75 -6.03
N ALA A 157 -2.60 -11.96 -7.20
CA ALA A 157 -3.59 -11.03 -7.74
C ALA A 157 -4.79 -11.75 -8.31
N THR A 158 -5.92 -11.04 -8.33
CA THR A 158 -7.19 -11.60 -8.76
C THR A 158 -7.14 -12.07 -10.20
N LYS A 159 -7.72 -13.24 -10.45
CA LYS A 159 -7.78 -13.84 -11.80
C LYS A 159 -6.38 -13.91 -12.43
N ALA A 160 -5.34 -13.95 -11.59
CA ALA A 160 -3.94 -13.86 -12.01
C ALA A 160 -3.69 -12.72 -12.99
N ASP A 161 -4.55 -11.70 -12.98
CA ASP A 161 -4.35 -10.48 -13.75
C ASP A 161 -3.56 -9.51 -12.88
N TYR A 162 -2.25 -9.43 -13.10
CA TYR A 162 -1.35 -8.61 -12.30
C TYR A 162 -1.24 -7.16 -12.83
N THR A 163 -2.16 -6.74 -13.71
CA THR A 163 -2.27 -5.39 -14.29
C THR A 163 -1.00 -4.84 -14.94
N LEU A 164 0.14 -4.94 -14.27
CA LEU A 164 1.32 -4.18 -14.68
C LEU A 164 2.36 -5.06 -15.37
N ASP A 165 3.27 -4.38 -16.06
CA ASP A 165 4.45 -5.01 -16.63
C ASP A 165 5.16 -5.88 -15.60
N GLU A 166 5.91 -6.86 -16.10
CA GLU A 166 6.67 -7.73 -15.21
C GLU A 166 7.79 -6.96 -14.51
N GLU A 167 8.39 -5.98 -15.22
CA GLU A 167 9.52 -5.23 -14.66
C GLU A 167 9.07 -4.29 -13.54
N SER A 168 7.94 -3.63 -13.73
CA SER A 168 7.38 -2.78 -12.68
C SER A 168 7.22 -3.57 -11.38
N ARG A 169 6.54 -4.71 -11.46
CA ARG A 169 6.30 -5.51 -10.27
C ARG A 169 7.62 -6.02 -9.70
N ALA A 170 8.57 -6.37 -10.57
CA ALA A 170 9.88 -6.81 -10.11
C ALA A 170 10.58 -5.74 -9.30
N ARG A 171 10.49 -4.49 -9.75
CA ARG A 171 11.08 -3.38 -9.02
C ARG A 171 10.44 -3.21 -7.63
N ILE A 172 9.10 -3.27 -7.58
CA ILE A 172 8.40 -3.19 -6.29
C ILE A 172 8.90 -4.29 -5.35
N LYS A 173 9.00 -5.53 -5.85
CA LYS A 173 9.46 -6.64 -5.02
C LYS A 173 10.87 -6.42 -4.53
N THR A 174 11.75 -5.92 -5.42
CA THR A 174 13.12 -5.61 -5.01
C THR A 174 13.14 -4.59 -3.87
N ARG A 175 12.28 -3.57 -3.95
CA ARG A 175 12.23 -2.57 -2.91
C ARG A 175 11.81 -3.19 -1.59
N LEU A 176 10.73 -3.98 -1.62
CA LEU A 176 10.32 -4.64 -0.39
C LEU A 176 11.45 -5.43 0.23
N PHE A 177 12.20 -6.14 -0.61
CA PHE A 177 13.26 -6.98 -0.06
C PHE A 177 14.39 -6.14 0.51
N THR A 178 14.80 -5.07 -0.17
CA THR A 178 15.85 -4.25 0.42
C THR A 178 15.38 -3.62 1.72
N ILE A 179 14.08 -3.32 1.85
CA ILE A 179 13.59 -2.75 3.09
C ILE A 179 13.74 -3.75 4.23
N ARG A 180 13.34 -5.01 3.97
CA ARG A 180 13.47 -6.03 5.01
C ARG A 180 14.93 -6.33 5.32
N GLN A 181 15.82 -6.22 4.34
CA GLN A 181 17.24 -6.36 4.64
C GLN A 181 17.72 -5.26 5.56
N GLU A 182 17.29 -4.02 5.28
CA GLU A 182 17.76 -2.87 6.04
C GLU A 182 17.26 -2.95 7.48
N MET A 183 16.04 -3.48 7.67
CA MET A 183 15.56 -3.72 9.02
C MET A 183 16.34 -4.85 9.70
N ALA A 184 16.64 -5.92 8.94
CA ALA A 184 17.36 -7.06 9.49
C ALA A 184 18.67 -6.63 10.13
N SER A 185 19.49 -5.87 9.39
CA SER A 185 20.79 -5.47 9.91
C SER A 185 20.68 -4.55 11.11
N ARG A 186 19.48 -4.04 11.40
CA ARG A 186 19.24 -3.25 12.60
C ARG A 186 18.48 -4.03 13.64
N SER A 187 18.27 -5.33 13.41
CA SER A 187 17.61 -6.24 14.36
C SER A 187 16.13 -5.90 14.57
N LEU A 188 15.57 -5.06 13.70
CA LEU A 188 14.17 -4.67 13.83
C LEU A 188 13.24 -5.58 13.06
N TRP A 189 13.81 -6.41 12.18
CA TRP A 189 12.96 -7.18 11.27
C TRP A 189 12.04 -8.12 12.02
N ASP A 190 12.58 -8.85 13.02
CA ASP A 190 11.79 -9.88 13.67
C ASP A 190 10.59 -9.28 14.39
N SER A 191 10.82 -8.16 15.10
CA SER A 191 9.74 -7.48 15.79
C SER A 191 8.67 -7.02 14.81
N PHE A 192 9.10 -6.50 13.66
CA PHE A 192 8.16 -6.13 12.62
C PHE A 192 7.34 -7.32 12.15
N ARG A 193 8.01 -8.45 11.88
CA ARG A 193 7.34 -9.62 11.31
C ARG A 193 6.27 -10.15 12.25
N GLN A 194 6.65 -10.44 13.50
CA GLN A 194 5.72 -10.94 14.51
C GLN A 194 4.84 -9.81 15.04
N SER A 195 4.07 -9.21 14.12
CA SER A 195 3.20 -8.08 14.45
C SER A 195 2.06 -7.97 13.45
N GLU A 196 2.05 -8.85 12.46
CA GLU A 196 0.97 -8.85 11.48
C GLU A 196 0.20 -10.16 11.51
MN MN B . -4.22 -1.22 0.27
MN MN C . -5.72 2.02 1.33
N12 QQP D . -8.74 2.76 9.16
C13 QQP D . -7.44 2.46 9.41
C16 QQP D . -4.76 2.09 9.39
C18 QQP D . -6.75 1.88 10.52
C22 QQP D . -4.42 -1.18 5.01
C24 QQP D . -5.36 -2.18 7.10
C25 QQP D . -5.24 -2.57 8.42
C27 QQP D . -2.94 -1.84 8.43
C29 QQP D . -1.85 -0.80 6.34
N33 QQP D . -3.69 -1.77 3.85
C02 QQP D . -3.93 -1.24 2.51
C03 QQP D . -4.90 -0.11 2.35
C05 QQP D . -5.60 0.45 3.54
C06 QQP D . -6.61 1.57 3.50
C08 QQP D . -7.90 3.06 5.02
C09 QQP D . -7.25 3.89 6.12
C11 QQP D . -8.81 3.30 7.94
C14 QQP D . -6.70 2.83 8.32
C23 QQP D . -4.26 -1.63 6.45
C26 QQP D . -4.03 -2.40 9.08
C28 QQP D . -3.04 -1.43 7.10
F30 QQP D . -1.44 -1.66 5.36
F31 QQP D . -2.21 0.39 5.79
F32 QQP D . -0.77 -0.57 7.16
N07 QQP D . -6.97 2.02 4.81
N10 QQP D . -7.58 3.35 7.42
N15 QQP D . -5.35 2.64 8.35
N17 QQP D . -5.44 1.71 10.47
N19 QQP D . -7.49 1.46 11.70
N21 QQP D . -5.36 -0.08 4.84
O01 QQP D . -3.33 -1.65 1.55
O04 QQP D . -5.17 0.43 1.10
O20 QQP D . -7.07 2.03 2.51
C11 Y24 E . 0.72 14.67 -6.58
C01 Y24 E . 1.07 15.18 -5.17
C02 Y24 E . 1.81 14.10 -4.34
C03 Y24 E . 1.53 12.67 -4.84
C04 Y24 E . 2.67 11.73 -4.39
C05 Y24 E . 3.59 11.14 -5.51
C06 Y24 E . 5.02 11.73 -5.47
C07 Y24 E . 6.12 10.65 -5.30
C08 Y24 E . 5.66 9.32 -5.91
C09 Y24 E . 6.76 8.55 -6.64
C22 Y24 E . -1.51 15.26 -4.87
C23 Y24 E . -0.20 16.53 -3.37
C24 Y24 E . -1.65 16.76 -2.98
C25 Y24 E . -2.43 16.27 -4.19
C26 Y24 E . -0.08 12.15 -2.82
C27 Y24 E . -1.35 11.29 -2.78
C28 Y24 E . -2.07 11.61 -4.06
C29 Y24 E . -0.97 11.96 -5.02
C30 Y24 E . 3.14 12.39 -7.80
C31 Y24 E . 2.45 12.01 -9.09
C32 Y24 E . 1.58 10.84 -8.71
C33 Y24 E . 2.34 10.16 -7.56
C34 Y24 E . 8.67 11.10 -5.00
C35 Y24 E . 9.83 11.16 -5.98
C36 Y24 E . 9.26 11.96 -7.15
C37 Y24 E . 7.77 11.63 -7.12
C38 Y24 E . 7.78 6.20 -6.37
C39 Y24 E . 7.77 7.55 -4.40
C40 Y24 E . 8.41 6.19 -4.07
C41 Y24 E . 8.86 5.68 -5.43
N03 Y24 E . -0.15 15.63 -4.50
N04 Y24 E . 0.25 12.27 -4.27
N05 Y24 E . 3.06 11.25 -6.87
N06 Y24 E . 7.44 11.11 -5.80
N07 Y24 E . 7.39 7.51 -5.83
O02 Y24 E . 0.75 17.03 -2.83
O03 Y24 E . -1.07 11.96 -6.20
O04 Y24 E . 3.65 13.44 -7.58
O06 Y24 E . 7.02 11.76 -8.01
O07 Y24 E . 7.62 8.42 -3.62
S SO4 F . 3.13 -1.50 16.64
O1 SO4 F . 2.73 -0.80 15.43
O2 SO4 F . 3.26 -2.94 16.36
O3 SO4 F . 4.43 -0.99 17.11
O4 SO4 F . 2.11 -1.30 17.66
#